data_4DOE
#
_entry.id   4DOE
#
_cell.length_a   147.931
_cell.length_b   147.931
_cell.length_c   59.098
_cell.angle_alpha   90.00
_cell.angle_beta   90.00
_cell.angle_gamma   120.00
#
_symmetry.space_group_name_H-M   'P 31 2 1'
#
loop_
_entity.id
_entity.type
_entity.pdbx_description
1 polymer 1,4-beta-glucanase
2 branched beta-D-glucopyranose-(1-4)-alpha-D-glucopyranose
3 branched beta-D-glucopyranose-(1-4)-beta-D-glucopyranose-(1-4)-beta-D-glucopyranose
4 non-polymer '1,4-DIETHYLENE DIOXIDE'
5 non-polymer 'CALCIUM ION'
6 non-polymer GLYCEROL
7 non-polymer 1,2-ETHANEDIOL
8 non-polymer 'SULFATE ION'
9 water water
#
_entity_poly.entity_id   1
_entity_poly.type   'polypeptide(L)'
_entity_poly.pdbx_seq_one_letter_code
;MGSSHHHHHHSSGLVPRGSHMASGSFNYGEALQKAIMFYEFQMSGKLPNWVRNNWRGDSALKDGQDNGLDLTGGWFDAGD
HVKFNLPMSYTGTMLSWAVYEYKDAFVKSGQLEHILNQIEWVNDYFVKCHPSKYVYYYQVGDGSKDHAWWGPAEVMQMER
PSFKVTQSSPGSTVVAETAASLAAASIVLKDRNPTKAATYLQHAKELYEFAEVTKSDAGYTAANGYYNSWSGFYDELSWA
AVWLYLATNDSTYLTKAESYVQNWPKISGSNTIDYKWAHCWDDVHNGAALLLAKITGKDIYKQIIESHLDYWTTGYNGER
IKYTPKGLAWLDQWGSLRYATTTAFLAFVYSDWVGCPSTKKEIYRKFGESQIDYALGSAGRSFVVGFGTNPPKRPHHRTA
HSSWADSQSIPSYHRHTLYGALVGGPGSDDSYTDDISNYVNNEVACDYNAGFVGALAKMYQLYGGNPIPDFKAIE
;
_entity_poly.pdbx_strand_id   A
#
loop_
_chem_comp.id
_chem_comp.type
_chem_comp.name
_chem_comp.formula
BGC D-saccharide, beta linking beta-D-glucopyranose 'C6 H12 O6'
CA non-polymer 'CALCIUM ION' 'Ca 2'
DIO non-polymer '1,4-DIETHYLENE DIOXIDE' 'C4 H8 O2'
EDO non-polymer 1,2-ETHANEDIOL 'C2 H6 O2'
GLC D-saccharide, alpha linking alpha-D-glucopyranose 'C6 H12 O6'
GOL non-polymer GLYCEROL 'C3 H8 O3'
SO4 non-polymer 'SULFATE ION' 'O4 S -2'
#
# COMPACT_ATOMS: atom_id res chain seq x y z
N ALA A 22 20.00 2.19 18.79
CA ALA A 22 19.54 0.78 18.57
C ALA A 22 19.28 0.04 19.89
N SER A 23 18.01 -0.25 20.18
CA SER A 23 17.60 -0.92 21.41
C SER A 23 16.61 -2.07 21.20
N GLY A 24 16.42 -2.49 19.94
CA GLY A 24 15.40 -3.49 19.60
C GLY A 24 16.01 -4.76 19.04
N SER A 25 15.16 -5.65 18.55
CA SER A 25 15.62 -6.99 18.14
C SER A 25 16.16 -7.04 16.71
N PHE A 26 15.92 -5.98 15.95
CA PHE A 26 16.27 -5.93 14.55
C PHE A 26 16.72 -4.53 14.19
N ASN A 27 17.43 -4.40 13.06
CA ASN A 27 17.84 -3.11 12.60
C ASN A 27 16.64 -2.53 11.82
N TYR A 28 15.85 -1.72 12.51
CA TYR A 28 14.63 -1.22 11.92
C TYR A 28 14.90 -0.12 10.90
N GLY A 29 15.95 0.68 11.04
CA GLY A 29 16.28 1.65 10.02
C GLY A 29 16.75 1.05 8.71
N GLU A 30 17.56 0.02 8.79
CA GLU A 30 17.92 -0.75 7.58
C GLU A 30 16.66 -1.35 6.94
N ALA A 31 15.79 -1.92 7.75
CA ALA A 31 14.55 -2.54 7.21
C ALA A 31 13.74 -1.44 6.54
N LEU A 32 13.51 -0.28 7.21
CA LEU A 32 12.76 0.86 6.63
C LEU A 32 13.39 1.33 5.31
N GLN A 33 14.70 1.49 5.31
CA GLN A 33 15.42 1.99 4.16
C GLN A 33 15.22 1.02 2.98
N LYS A 34 15.31 -0.26 3.23
CA LYS A 34 15.15 -1.22 2.17
C LYS A 34 13.67 -1.33 1.70
N ALA A 35 12.72 -1.28 2.63
CA ALA A 35 11.32 -1.41 2.32
C ALA A 35 10.86 -0.25 1.44
N ILE A 36 11.47 0.93 1.61
CA ILE A 36 11.17 2.07 0.72
C ILE A 36 11.80 1.86 -0.66
N MET A 37 13.06 1.42 -0.62
CA MET A 37 13.86 1.14 -1.84
C MET A 37 13.19 0.13 -2.75
N PHE A 38 12.44 -0.82 -2.16
CA PHE A 38 11.65 -1.77 -2.95
C PHE A 38 10.89 -1.10 -4.10
N TYR A 39 10.26 0.05 -3.80
CA TYR A 39 9.47 0.75 -4.82
C TYR A 39 10.30 1.15 -6.03
N GLU A 40 11.59 1.45 -5.84
CA GLU A 40 12.45 1.74 -6.99
C GLU A 40 12.40 0.65 -7.99
N PHE A 41 12.40 -0.58 -7.52
CA PHE A 41 12.50 -1.73 -8.40
C PHE A 41 11.23 -1.97 -9.20
N GLN A 42 10.15 -1.37 -8.69
CA GLN A 42 8.83 -1.50 -9.34
C GLN A 42 8.60 -0.39 -10.38
N MET A 43 9.50 0.55 -10.45
CA MET A 43 9.27 1.69 -11.36
C MET A 43 9.16 1.34 -12.81
N SER A 44 8.20 1.98 -13.48
CA SER A 44 7.90 1.80 -14.88
C SER A 44 8.15 3.12 -15.57
N GLY A 45 8.60 3.06 -16.81
CA GLY A 45 8.77 4.28 -17.63
C GLY A 45 10.21 4.73 -17.74
N LYS A 46 10.39 6.01 -18.04
CA LYS A 46 11.72 6.56 -18.18
C LYS A 46 12.24 6.90 -16.80
N LEU A 47 13.32 6.22 -16.40
CA LEU A 47 13.80 6.36 -15.04
C LEU A 47 14.52 7.70 -14.79
N PRO A 48 14.19 8.37 -13.69
CA PRO A 48 14.81 9.65 -13.40
C PRO A 48 16.20 9.46 -12.76
N ASN A 49 17.03 10.51 -12.77
N ASN A 49 16.90 10.58 -12.63
CA ASN A 49 18.40 10.39 -12.28
CA ASN A 49 18.30 10.55 -12.25
C ASN A 49 18.56 10.20 -10.75
C ASN A 49 18.51 10.10 -10.81
N TRP A 50 17.47 10.29 -9.99
CA TRP A 50 17.52 9.99 -8.59
C TRP A 50 17.47 8.51 -8.23
N VAL A 51 17.14 7.65 -9.18
CA VAL A 51 17.11 6.23 -8.89
C VAL A 51 18.52 5.80 -8.45
N ARG A 52 18.55 4.98 -7.42
CA ARG A 52 19.79 4.56 -6.77
C ARG A 52 20.40 3.37 -7.50
N ASN A 53 19.61 2.42 -7.93
CA ASN A 53 20.13 1.19 -8.49
C ASN A 53 20.61 1.35 -9.91
N ASN A 54 21.46 0.42 -10.38
CA ASN A 54 21.93 0.50 -11.75
C ASN A 54 21.50 -0.69 -12.55
N TRP A 55 20.47 -1.46 -12.10
CA TRP A 55 20.05 -2.65 -12.82
C TRP A 55 18.71 -2.61 -13.51
N ARG A 56 17.80 -1.73 -13.05
CA ARG A 56 16.56 -1.41 -13.75
C ARG A 56 16.91 -0.38 -14.85
N GLY A 57 16.23 -0.54 -15.98
CA GLY A 57 16.32 0.44 -17.02
C GLY A 57 14.96 0.95 -17.46
N ASP A 58 15.00 1.78 -18.50
CA ASP A 58 13.78 2.32 -19.05
C ASP A 58 12.90 1.18 -19.56
N SER A 59 11.57 1.31 -19.38
CA SER A 59 10.65 0.25 -19.77
C SER A 59 9.26 0.86 -20.02
N ALA A 60 8.46 0.16 -20.77
CA ALA A 60 7.05 0.52 -20.92
C ALA A 60 6.91 1.98 -21.41
N LEU A 61 7.78 2.38 -22.34
CA LEU A 61 7.86 3.75 -22.76
C LEU A 61 6.68 4.19 -23.66
N LYS A 62 6.01 3.24 -24.26
CA LYS A 62 4.82 3.54 -25.09
C LYS A 62 3.50 3.54 -24.38
N ASP A 63 3.54 3.36 -23.05
CA ASP A 63 2.30 3.34 -22.26
C ASP A 63 1.48 4.59 -22.47
N GLY A 64 0.25 4.36 -22.84
CA GLY A 64 -0.73 5.40 -23.18
C GLY A 64 -0.83 5.77 -24.66
N GLN A 65 0.13 5.33 -25.46
N GLN A 65 0.10 5.28 -25.47
CA GLN A 65 0.16 5.81 -26.87
CA GLN A 65 0.21 5.69 -26.89
C GLN A 65 -1.01 5.27 -27.69
C GLN A 65 -0.96 5.21 -27.73
N ASP A 66 -1.58 4.12 -27.32
CA ASP A 66 -2.80 3.60 -27.95
C ASP A 66 -4.00 4.56 -27.69
N ASN A 67 -3.90 5.45 -26.71
CA ASN A 67 -4.92 6.44 -26.46
C ASN A 67 -4.44 7.86 -26.57
N GLY A 68 -3.30 8.09 -27.27
CA GLY A 68 -2.76 9.43 -27.52
C GLY A 68 -2.17 10.22 -26.40
N LEU A 69 -1.74 9.55 -25.29
CA LEU A 69 -1.31 10.26 -24.07
C LEU A 69 -0.03 9.62 -23.59
N ASP A 70 0.73 10.39 -22.82
CA ASP A 70 1.87 9.84 -22.09
C ASP A 70 1.31 9.29 -20.73
N LEU A 71 1.18 7.97 -20.66
CA LEU A 71 0.79 7.31 -19.36
C LEU A 71 1.97 6.52 -18.80
N THR A 72 3.18 6.88 -19.23
CA THR A 72 4.39 6.28 -18.61
C THR A 72 4.53 6.67 -17.17
N GLY A 73 5.28 5.84 -16.41
CA GLY A 73 5.49 6.07 -15.01
C GLY A 73 4.74 5.06 -14.11
N GLY A 74 4.74 5.45 -12.86
CA GLY A 74 4.10 4.73 -11.80
C GLY A 74 4.87 3.43 -11.47
N TRP A 75 4.15 2.42 -10.94
CA TRP A 75 4.76 1.19 -10.51
C TRP A 75 4.07 0.04 -11.12
N PHE A 76 4.87 -0.91 -11.59
CA PHE A 76 4.39 -2.24 -11.86
C PHE A 76 3.81 -2.80 -10.54
N ASP A 77 2.75 -3.59 -10.62
CA ASP A 77 2.06 -3.91 -9.41
C ASP A 77 2.84 -4.86 -8.49
N ALA A 78 3.19 -6.03 -9.00
CA ALA A 78 3.60 -7.15 -8.13
C ALA A 78 4.85 -7.79 -8.76
N GLY A 79 4.81 -9.07 -9.12
CA GLY A 79 5.84 -9.71 -9.86
C GLY A 79 5.64 -9.72 -11.37
N ASP A 80 4.63 -8.94 -11.77
CA ASP A 80 4.18 -8.75 -13.14
C ASP A 80 4.44 -7.30 -13.60
N HIS A 81 3.91 -6.96 -14.76
CA HIS A 81 4.18 -5.63 -15.34
C HIS A 81 2.90 -4.89 -15.71
N VAL A 82 1.77 -5.33 -15.18
CA VAL A 82 0.55 -4.55 -15.23
C VAL A 82 0.63 -3.42 -14.28
N LYS A 83 0.16 -2.25 -14.72
CA LYS A 83 -0.12 -1.16 -13.86
C LYS A 83 -1.60 -1.11 -13.46
N PHE A 84 -1.89 -1.49 -12.22
CA PHE A 84 -3.27 -1.63 -11.70
C PHE A 84 -3.47 -0.48 -10.78
N ASN A 85 -4.24 0.54 -11.19
CA ASN A 85 -4.18 1.76 -10.38
C ASN A 85 -4.87 1.67 -9.00
N LEU A 86 -5.71 0.65 -8.76
CA LEU A 86 -6.39 0.58 -7.43
C LEU A 86 -5.38 0.24 -6.30
N PRO A 87 -4.62 -0.86 -6.47
CA PRO A 87 -3.57 -1.05 -5.45
C PRO A 87 -2.42 -0.06 -5.50
N MET A 88 -2.21 0.49 -6.68
CA MET A 88 -1.17 1.50 -6.81
C MET A 88 -1.49 2.75 -6.06
N SER A 89 -2.75 3.21 -6.20
CA SER A 89 -3.20 4.37 -5.46
C SER A 89 -3.41 4.15 -3.97
N TYR A 90 -3.90 2.97 -3.59
CA TYR A 90 -3.91 2.67 -2.18
C TYR A 90 -2.52 2.75 -1.59
N THR A 91 -1.56 2.21 -2.30
CA THR A 91 -0.13 2.34 -1.90
C THR A 91 0.33 3.79 -1.71
N GLY A 92 0.01 4.59 -2.71
CA GLY A 92 0.27 6.03 -2.69
C GLY A 92 -0.25 6.64 -1.42
N THR A 93 -1.53 6.37 -1.12
CA THR A 93 -2.09 6.95 0.09
C THR A 93 -1.41 6.56 1.37
N MET A 94 -1.07 5.27 1.43
CA MET A 94 -0.50 4.72 2.63
C MET A 94 0.93 5.24 2.86
N LEU A 95 1.68 5.45 1.79
CA LEU A 95 3.04 5.98 1.95
C LEU A 95 2.97 7.41 2.48
N SER A 96 2.04 8.18 1.95
CA SER A 96 1.89 9.55 2.49
C SER A 96 1.36 9.53 3.89
N TRP A 97 0.49 8.58 4.25
CA TRP A 97 0.02 8.49 5.62
C TRP A 97 1.17 8.22 6.60
N ALA A 98 2.10 7.37 6.17
CA ALA A 98 3.31 7.09 6.90
C ALA A 98 4.07 8.39 7.24
N VAL A 99 4.35 9.21 6.26
CA VAL A 99 4.99 10.52 6.48
C VAL A 99 4.13 11.41 7.33
N TYR A 100 2.82 11.43 7.08
CA TYR A 100 1.95 12.26 7.89
C TYR A 100 2.06 11.97 9.38
N GLU A 101 2.15 10.69 9.71
CA GLU A 101 2.21 10.29 11.13
C GLU A 101 3.60 10.39 11.70
N TYR A 102 4.58 9.92 10.92
CA TYR A 102 5.92 9.63 11.45
C TYR A 102 7.06 10.38 10.73
N LYS A 103 6.78 11.59 10.26
CA LYS A 103 7.77 12.38 9.54
C LYS A 103 9.11 12.43 10.26
N ASP A 104 9.09 12.68 11.57
N ASP A 104 9.11 12.66 11.56
CA ASP A 104 10.31 12.82 12.39
CA ASP A 104 10.35 12.77 12.30
C ASP A 104 11.22 11.55 12.38
C ASP A 104 11.23 11.54 12.13
N ALA A 105 10.61 10.37 12.24
CA ALA A 105 11.32 9.11 12.05
C ALA A 105 11.99 9.06 10.68
N PHE A 106 11.31 9.52 9.63
CA PHE A 106 11.88 9.59 8.29
C PHE A 106 13.04 10.57 8.21
N VAL A 107 12.90 11.65 8.98
CA VAL A 107 13.96 12.69 9.00
C VAL A 107 15.19 12.14 9.72
N LYS A 108 15.01 11.55 10.88
CA LYS A 108 16.09 10.99 11.68
C LYS A 108 16.86 9.88 10.94
N SER A 109 16.15 9.02 10.23
CA SER A 109 16.77 7.89 9.52
C SER A 109 17.32 8.30 8.14
N GLY A 110 17.14 9.54 7.72
CA GLY A 110 17.58 9.96 6.40
C GLY A 110 16.74 9.42 5.26
N GLN A 111 15.54 8.95 5.60
CA GLN A 111 14.68 8.28 4.60
C GLN A 111 13.56 9.17 4.05
N LEU A 112 13.41 10.41 4.55
CA LEU A 112 12.36 11.27 4.07
C LEU A 112 12.47 11.55 2.57
N GLU A 113 13.68 11.87 2.11
CA GLU A 113 13.84 12.24 0.69
C GLU A 113 13.44 11.09 -0.20
N HIS A 114 13.76 9.87 0.25
CA HIS A 114 13.47 8.70 -0.56
C HIS A 114 12.01 8.36 -0.65
N ILE A 115 11.28 8.47 0.47
CA ILE A 115 9.86 8.13 0.45
C ILE A 115 9.08 9.26 -0.27
N LEU A 116 9.55 10.49 -0.08
CA LEU A 116 8.91 11.55 -0.90
C LEU A 116 9.16 11.43 -2.37
N ASN A 117 10.34 10.93 -2.80
CA ASN A 117 10.60 10.71 -4.21
C ASN A 117 9.60 9.70 -4.77
N GLN A 118 9.28 8.64 -3.99
CA GLN A 118 8.39 7.61 -4.45
C GLN A 118 6.92 8.14 -4.50
N ILE A 119 6.55 8.92 -3.51
CA ILE A 119 5.20 9.50 -3.43
C ILE A 119 5.03 10.44 -4.65
N GLU A 120 6.03 11.26 -4.95
CA GLU A 120 5.97 12.17 -6.08
C GLU A 120 5.89 11.42 -7.34
N TRP A 121 6.63 10.33 -7.45
CA TRP A 121 6.63 9.53 -8.64
C TRP A 121 5.26 9.01 -8.96
N VAL A 122 4.68 8.32 -7.98
CA VAL A 122 3.40 7.66 -8.26
C VAL A 122 2.29 8.70 -8.51
N ASN A 123 2.27 9.80 -7.73
CA ASN A 123 1.19 10.79 -7.90
C ASN A 123 1.36 11.58 -9.21
N ASP A 124 2.59 11.70 -9.67
CA ASP A 124 2.76 12.20 -11.05
C ASP A 124 2.12 11.37 -12.15
N TYR A 125 2.16 10.07 -12.00
CA TYR A 125 1.53 9.16 -12.92
C TYR A 125 -0.01 9.27 -12.81
N PHE A 126 -0.52 9.44 -11.58
CA PHE A 126 -1.98 9.61 -11.47
C PHE A 126 -2.48 10.88 -12.18
N VAL A 127 -1.69 11.92 -12.08
CA VAL A 127 -2.00 13.18 -12.78
C VAL A 127 -2.04 12.94 -14.26
N LYS A 128 -1.04 12.24 -14.83
CA LYS A 128 -1.08 11.81 -16.22
C LYS A 128 -2.32 11.04 -16.61
N CYS A 129 -2.77 10.20 -15.69
CA CYS A 129 -3.95 9.34 -15.94
C CYS A 129 -5.28 10.14 -15.89
N HIS A 130 -5.21 11.43 -15.55
CA HIS A 130 -6.39 12.29 -15.43
C HIS A 130 -6.36 13.45 -16.44
N PRO A 131 -6.56 13.11 -17.75
N PRO A 131 -6.56 13.19 -17.73
CA PRO A 131 -6.42 14.02 -18.90
CA PRO A 131 -6.38 14.38 -18.58
C PRO A 131 -7.67 14.85 -19.24
C PRO A 131 -7.48 15.44 -18.52
N SER A 132 -8.87 14.50 -18.70
N SER A 132 -8.63 15.09 -17.97
CA SER A 132 -10.17 15.32 -18.73
CA SER A 132 -9.90 15.70 -18.29
C SER A 132 -10.87 15.15 -17.34
C SER A 132 -10.60 15.41 -16.99
N LYS A 133 -11.63 16.16 -16.78
CA LYS A 133 -12.19 16.15 -15.49
C LYS A 133 -12.84 14.78 -15.15
N TYR A 134 -13.57 14.22 -16.09
CA TYR A 134 -14.30 12.97 -15.93
C TYR A 134 -13.77 11.91 -16.87
N VAL A 135 -12.41 11.88 -17.00
CA VAL A 135 -11.73 10.82 -17.78
C VAL A 135 -10.54 10.39 -16.90
N TYR A 136 -10.53 9.12 -16.51
CA TYR A 136 -9.41 8.64 -15.68
C TYR A 136 -8.99 7.26 -16.19
N TYR A 137 -7.69 7.18 -16.51
CA TYR A 137 -7.08 5.92 -16.94
C TYR A 137 -6.65 5.10 -15.69
N TYR A 138 -7.14 3.88 -15.59
CA TYR A 138 -7.00 3.10 -14.37
C TYR A 138 -6.17 1.86 -14.53
N GLN A 139 -5.70 1.59 -15.75
CA GLN A 139 -4.87 0.42 -16.04
C GLN A 139 -4.01 0.64 -17.26
N VAL A 140 -2.77 0.13 -17.24
CA VAL A 140 -1.99 -0.05 -18.46
C VAL A 140 -1.44 -1.45 -18.43
N GLY A 141 -1.78 -2.23 -19.42
CA GLY A 141 -1.45 -3.64 -19.49
C GLY A 141 -2.65 -4.52 -19.43
N ASP A 142 -2.57 -5.64 -20.14
N ASP A 142 -2.50 -5.71 -20.00
CA ASP A 142 -3.59 -6.67 -20.17
CA ASP A 142 -3.57 -6.66 -20.16
C ASP A 142 -3.09 -7.77 -19.28
C ASP A 142 -3.18 -7.89 -19.39
N GLY A 143 -3.87 -8.16 -18.28
CA GLY A 143 -3.44 -9.23 -17.37
C GLY A 143 -3.09 -10.53 -18.05
N SER A 144 -3.90 -10.95 -19.02
N SER A 144 -3.89 -10.90 -19.05
CA SER A 144 -3.64 -12.16 -19.73
CA SER A 144 -3.69 -12.14 -19.76
C SER A 144 -2.36 -12.11 -20.53
C SER A 144 -2.43 -12.15 -20.61
N LYS A 145 -2.19 -11.07 -21.32
CA LYS A 145 -0.98 -10.98 -22.14
C LYS A 145 0.26 -10.79 -21.28
N ASP A 146 0.14 -9.94 -20.26
CA ASP A 146 1.29 -9.67 -19.38
C ASP A 146 1.76 -10.93 -18.67
N HIS A 147 0.80 -11.64 -18.11
CA HIS A 147 1.14 -12.82 -17.27
C HIS A 147 1.61 -14.01 -18.03
N ALA A 148 1.32 -14.04 -19.33
CA ALA A 148 1.71 -15.21 -20.15
C ALA A 148 3.19 -15.24 -20.50
N TRP A 149 3.95 -14.19 -20.22
CA TRP A 149 5.35 -14.10 -20.60
C TRP A 149 6.17 -13.87 -19.35
N TRP A 150 7.31 -14.51 -19.32
CA TRP A 150 8.16 -14.46 -18.14
C TRP A 150 9.53 -13.90 -18.53
N GLY A 151 9.74 -12.62 -18.26
CA GLY A 151 10.97 -11.92 -18.59
C GLY A 151 11.01 -10.55 -17.98
N PRO A 152 12.10 -9.83 -18.19
CA PRO A 152 12.17 -8.57 -17.52
C PRO A 152 11.51 -7.42 -18.24
N ALA A 153 11.12 -6.43 -17.45
CA ALA A 153 10.32 -5.28 -17.94
C ALA A 153 10.87 -4.65 -19.21
N GLU A 154 12.20 -4.53 -19.26
CA GLU A 154 12.84 -3.66 -20.26
C GLU A 154 12.71 -4.25 -21.63
N VAL A 155 12.38 -5.54 -21.72
CA VAL A 155 12.33 -6.21 -23.03
C VAL A 155 10.96 -6.70 -23.46
N MET A 156 9.92 -6.28 -22.76
CA MET A 156 8.58 -6.69 -23.06
C MET A 156 8.26 -6.31 -24.50
N GLN A 157 7.53 -7.21 -25.17
N GLN A 157 7.54 -7.19 -25.19
CA GLN A 157 7.15 -7.03 -26.60
CA GLN A 157 7.15 -6.84 -26.55
C GLN A 157 5.64 -7.18 -26.91
C GLN A 157 5.64 -6.87 -26.81
N MET A 158 4.85 -7.46 -25.88
CA MET A 158 3.43 -7.69 -26.06
C MET A 158 2.72 -6.36 -26.00
N GLU A 159 1.51 -6.34 -26.54
CA GLU A 159 0.71 -5.13 -26.48
C GLU A 159 0.38 -4.80 -25.04
N ARG A 160 0.34 -3.50 -24.73
CA ARG A 160 0.00 -3.02 -23.42
C ARG A 160 -1.10 -1.95 -23.48
N PRO A 161 -2.34 -2.40 -23.70
CA PRO A 161 -3.45 -1.44 -23.80
C PRO A 161 -3.68 -0.64 -22.52
N SER A 162 -4.23 0.57 -22.69
CA SER A 162 -4.60 1.42 -21.57
C SER A 162 -6.13 1.53 -21.50
N PHE A 163 -6.66 1.62 -20.28
CA PHE A 163 -8.10 1.51 -20.08
C PHE A 163 -8.54 2.67 -19.21
N LYS A 164 -9.74 3.19 -19.45
CA LYS A 164 -10.23 4.37 -18.79
C LYS A 164 -11.68 4.20 -18.37
N VAL A 165 -12.01 4.95 -17.35
CA VAL A 165 -13.38 5.14 -16.92
C VAL A 165 -13.79 6.59 -17.22
N THR A 166 -15.10 6.76 -17.46
CA THR A 166 -15.69 8.03 -17.88
C THR A 166 -17.06 8.15 -17.16
N GLN A 167 -17.75 9.25 -17.34
CA GLN A 167 -19.01 9.42 -16.71
C GLN A 167 -20.02 8.33 -17.15
N SER A 168 -19.97 7.92 -18.40
CA SER A 168 -20.89 6.91 -18.88
C SER A 168 -20.40 5.49 -18.59
N SER A 169 -19.12 5.32 -18.19
CA SER A 169 -18.56 4.00 -17.95
C SER A 169 -17.63 4.11 -16.69
N PRO A 170 -18.22 4.19 -15.47
CA PRO A 170 -17.55 4.80 -14.35
C PRO A 170 -16.72 3.82 -13.54
N GLY A 171 -15.93 4.39 -12.68
CA GLY A 171 -15.11 3.58 -11.72
C GLY A 171 -14.88 4.29 -10.38
N SER A 172 -15.94 4.49 -9.58
CA SER A 172 -15.86 5.26 -8.41
C SER A 172 -14.80 4.72 -7.42
N THR A 173 -14.62 3.40 -7.33
CA THR A 173 -13.68 2.86 -6.35
C THR A 173 -12.23 3.37 -6.66
N VAL A 174 -11.78 3.14 -7.88
CA VAL A 174 -10.41 3.47 -8.28
C VAL A 174 -10.22 4.97 -8.32
N VAL A 175 -11.25 5.72 -8.77
CA VAL A 175 -11.17 7.17 -8.85
C VAL A 175 -11.05 7.79 -7.47
N ALA A 176 -11.87 7.33 -6.51
CA ALA A 176 -11.83 7.81 -5.15
C ALA A 176 -10.48 7.47 -4.45
N GLU A 177 -10.02 6.23 -4.63
CA GLU A 177 -8.75 5.86 -4.05
C GLU A 177 -7.65 6.74 -4.60
N THR A 178 -7.69 7.02 -5.89
CA THR A 178 -6.69 7.94 -6.50
C THR A 178 -6.81 9.36 -5.99
N ALA A 179 -8.05 9.82 -5.75
CA ALA A 179 -8.24 11.09 -5.09
C ALA A 179 -7.55 11.15 -3.69
N ALA A 180 -7.74 10.08 -2.92
CA ALA A 180 -7.10 9.99 -1.60
C ALA A 180 -5.60 10.16 -1.76
N SER A 181 -5.01 9.41 -2.68
CA SER A 181 -3.56 9.40 -2.85
C SER A 181 -3.04 10.84 -3.13
N LEU A 182 -3.74 11.55 -4.00
CA LEU A 182 -3.31 12.87 -4.40
C LEU A 182 -3.51 13.87 -3.30
N ALA A 183 -4.64 13.76 -2.57
CA ALA A 183 -4.87 14.65 -1.42
C ALA A 183 -3.84 14.47 -0.33
N ALA A 184 -3.56 13.20 -0.02
CA ALA A 184 -2.53 12.92 0.99
C ALA A 184 -1.14 13.47 0.53
N ALA A 185 -0.82 13.25 -0.73
CA ALA A 185 0.46 13.72 -1.29
C ALA A 185 0.52 15.23 -1.23
N SER A 186 -0.64 15.89 -1.43
CA SER A 186 -0.64 17.38 -1.39
C SER A 186 -0.24 17.91 -0.06
N ILE A 187 -0.51 17.17 1.01
CA ILE A 187 -0.09 17.50 2.34
C ILE A 187 1.44 17.33 2.49
N VAL A 188 1.93 16.11 2.29
CA VAL A 188 3.28 15.77 2.64
C VAL A 188 4.32 16.26 1.67
N LEU A 189 3.91 16.66 0.47
N LEU A 189 3.96 16.61 0.43
CA LEU A 189 4.85 17.19 -0.53
CA LEU A 189 4.96 17.22 -0.49
C LEU A 189 4.81 18.73 -0.62
C LEU A 189 4.99 18.75 -0.40
N LYS A 190 3.99 19.35 0.22
CA LYS A 190 3.77 20.83 0.16
C LYS A 190 5.09 21.59 0.50
N ASP A 191 5.84 21.09 1.45
CA ASP A 191 7.11 21.76 1.83
C ASP A 191 8.14 21.70 0.74
N ARG A 192 8.34 20.53 0.17
CA ARG A 192 9.33 20.31 -0.88
C ARG A 192 8.96 20.89 -2.23
N ASN A 193 7.68 20.80 -2.62
CA ASN A 193 7.21 21.16 -3.93
C ASN A 193 5.78 21.74 -3.92
N PRO A 194 5.66 23.01 -3.50
CA PRO A 194 4.33 23.52 -3.27
C PRO A 194 3.52 23.63 -4.52
N THR A 195 4.18 23.93 -5.63
N THR A 195 4.12 23.89 -5.69
CA THR A 195 3.50 23.99 -6.88
CA THR A 195 3.31 23.96 -6.92
C THR A 195 2.84 22.65 -7.17
C THR A 195 2.82 22.58 -7.40
N LYS A 196 3.62 21.58 -7.17
CA LYS A 196 3.10 20.25 -7.50
C LYS A 196 2.03 19.83 -6.49
N ALA A 197 2.23 20.12 -5.23
CA ALA A 197 1.24 19.77 -4.19
C ALA A 197 -0.13 20.42 -4.57
N ALA A 198 -0.08 21.67 -5.07
CA ALA A 198 -1.31 22.37 -5.43
C ALA A 198 -1.98 21.72 -6.60
N THR A 199 -1.20 21.27 -7.56
CA THR A 199 -1.70 20.52 -8.72
C THR A 199 -2.37 19.24 -8.23
N TYR A 200 -1.66 18.48 -7.41
CA TYR A 200 -2.26 17.26 -6.88
C TYR A 200 -3.62 17.52 -6.19
N LEU A 201 -3.72 18.53 -5.36
CA LEU A 201 -4.98 18.85 -4.67
C LEU A 201 -6.11 19.19 -5.64
N GLN A 202 -5.81 19.90 -6.74
N GLN A 202 -5.82 20.07 -6.61
CA GLN A 202 -6.89 20.19 -7.65
CA GLN A 202 -6.69 20.30 -7.77
C GLN A 202 -7.35 18.96 -8.39
C GLN A 202 -7.28 18.99 -8.27
N HIS A 203 -6.43 18.07 -8.77
CA HIS A 203 -6.84 16.83 -9.36
C HIS A 203 -7.60 15.93 -8.37
N ALA A 204 -7.23 15.97 -7.12
CA ALA A 204 -7.90 15.17 -6.09
C ALA A 204 -9.37 15.63 -5.98
N LYS A 205 -9.55 16.95 -5.87
CA LYS A 205 -10.91 17.50 -5.76
C LYS A 205 -11.76 17.06 -6.96
N GLU A 206 -11.18 17.14 -8.16
CA GLU A 206 -11.92 16.83 -9.36
C GLU A 206 -12.26 15.34 -9.43
N LEU A 207 -11.26 14.50 -9.10
CA LEU A 207 -11.51 13.08 -9.08
C LEU A 207 -12.56 12.67 -8.04
N TYR A 208 -12.57 13.33 -6.91
CA TYR A 208 -13.56 13.06 -5.88
C TYR A 208 -14.96 13.36 -6.37
N GLU A 209 -15.07 14.50 -7.05
CA GLU A 209 -16.37 14.82 -7.65
C GLU A 209 -16.79 13.82 -8.68
N PHE A 210 -15.86 13.39 -9.52
CA PHE A 210 -16.14 12.37 -10.54
C PHE A 210 -16.67 11.10 -9.85
N ALA A 211 -15.99 10.64 -8.79
CA ALA A 211 -16.46 9.44 -8.11
C ALA A 211 -17.86 9.58 -7.44
N GLU A 212 -18.14 10.75 -6.90
CA GLU A 212 -19.42 11.03 -6.22
C GLU A 212 -20.58 11.20 -7.20
N VAL A 213 -20.29 11.82 -8.34
N VAL A 213 -20.29 11.80 -8.36
CA VAL A 213 -21.34 12.04 -9.29
CA VAL A 213 -21.32 12.04 -9.35
C VAL A 213 -21.75 10.71 -9.95
C VAL A 213 -21.69 10.77 -10.12
N THR A 214 -20.83 9.75 -10.07
CA THR A 214 -21.12 8.54 -10.75
C THR A 214 -21.58 7.42 -9.83
N LYS A 215 -20.95 7.25 -8.66
CA LYS A 215 -21.27 6.14 -7.70
C LYS A 215 -21.59 4.84 -8.38
N SER A 216 -20.62 4.36 -9.14
CA SER A 216 -20.72 3.16 -9.89
C SER A 216 -19.32 2.64 -10.29
N ASP A 217 -19.18 1.32 -10.37
CA ASP A 217 -17.98 0.68 -10.88
C ASP A 217 -18.23 -0.05 -12.15
N ALA A 218 -19.27 0.36 -12.89
CA ALA A 218 -19.69 -0.45 -14.07
C ALA A 218 -18.61 -0.47 -15.17
N GLY A 219 -17.84 0.60 -15.28
CA GLY A 219 -16.79 0.66 -16.29
C GLY A 219 -15.41 0.16 -15.84
N TYR A 220 -15.34 -0.30 -14.59
CA TYR A 220 -14.07 -0.79 -13.99
C TYR A 220 -14.04 -2.27 -14.18
N THR A 221 -13.52 -2.66 -15.34
CA THR A 221 -13.57 -4.03 -15.83
C THR A 221 -12.22 -4.70 -16.14
N ALA A 222 -11.22 -3.91 -16.48
CA ALA A 222 -9.97 -4.49 -16.98
C ALA A 222 -9.20 -5.21 -15.87
N ALA A 223 -9.46 -4.86 -14.62
CA ALA A 223 -8.81 -5.47 -13.47
C ALA A 223 -9.57 -6.65 -12.94
N ASN A 224 -10.64 -7.07 -13.61
CA ASN A 224 -11.42 -8.21 -13.10
C ASN A 224 -10.66 -9.51 -13.14
N GLY A 225 -10.66 -10.22 -12.01
CA GLY A 225 -9.80 -11.37 -11.82
C GLY A 225 -8.53 -11.04 -11.06
N TYR A 226 -8.25 -9.75 -10.82
CA TYR A 226 -6.97 -9.33 -10.26
C TYR A 226 -7.25 -8.39 -9.09
N TYR A 227 -7.95 -7.28 -9.36
CA TYR A 227 -8.27 -6.26 -8.39
C TYR A 227 -9.70 -5.74 -8.55
N ASN A 228 -10.65 -6.69 -8.49
CA ASN A 228 -12.05 -6.26 -8.49
C ASN A 228 -12.32 -5.41 -7.29
N SER A 229 -13.33 -4.53 -7.42
CA SER A 229 -13.82 -3.81 -6.24
C SER A 229 -14.83 -4.74 -5.54
N TRP A 230 -14.38 -5.41 -4.47
CA TRP A 230 -15.22 -6.37 -3.74
C TRP A 230 -16.11 -5.65 -2.80
N SER A 231 -15.58 -4.75 -1.98
CA SER A 231 -16.34 -4.11 -0.94
C SER A 231 -17.18 -2.92 -1.40
N GLY A 232 -17.06 -2.51 -2.65
CA GLY A 232 -17.65 -1.26 -3.17
C GLY A 232 -16.88 -0.02 -2.75
N PHE A 233 -17.46 1.14 -3.06
CA PHE A 233 -16.71 2.38 -3.11
C PHE A 233 -17.02 3.31 -1.99
N TYR A 234 -17.91 2.95 -1.05
CA TYR A 234 -18.25 3.87 0.02
C TYR A 234 -17.16 4.03 1.05
N ASP A 235 -16.40 2.93 1.25
CA ASP A 235 -15.20 3.05 2.10
C ASP A 235 -14.21 4.04 1.47
N GLU A 236 -13.98 3.95 0.17
CA GLU A 236 -13.07 4.92 -0.52
C GLU A 236 -13.65 6.35 -0.50
N LEU A 237 -14.99 6.46 -0.62
CA LEU A 237 -15.56 7.82 -0.53
C LEU A 237 -15.30 8.48 0.79
N SER A 238 -15.39 7.73 1.88
CA SER A 238 -15.02 8.25 3.18
C SER A 238 -13.51 8.60 3.26
N TRP A 239 -12.70 7.61 2.95
CA TRP A 239 -11.25 7.75 3.03
C TRP A 239 -10.71 8.89 2.21
N ALA A 240 -11.15 9.03 0.96
CA ALA A 240 -10.72 10.16 0.16
C ALA A 240 -11.23 11.49 0.75
N ALA A 241 -12.44 11.55 1.28
CA ALA A 241 -12.94 12.77 1.90
C ALA A 241 -12.22 13.16 3.15
N VAL A 242 -11.76 12.18 3.93
CA VAL A 242 -10.93 12.44 5.09
C VAL A 242 -9.64 13.14 4.62
N TRP A 243 -8.94 12.56 3.66
CA TRP A 243 -7.67 13.13 3.17
C TRP A 243 -7.91 14.52 2.61
N LEU A 244 -8.99 14.67 1.87
CA LEU A 244 -9.34 16.00 1.34
C LEU A 244 -9.67 17.01 2.41
N TYR A 245 -10.38 16.59 3.47
CA TYR A 245 -10.55 17.45 4.64
C TYR A 245 -9.23 17.83 5.26
N LEU A 246 -8.31 16.85 5.43
CA LEU A 246 -7.05 17.20 6.07
C LEU A 246 -6.25 18.16 5.15
N ALA A 247 -6.39 18.04 3.83
CA ALA A 247 -5.66 18.87 2.87
C ALA A 247 -6.24 20.31 2.74
N THR A 248 -7.53 20.48 3.07
CA THR A 248 -8.26 21.72 2.66
C THR A 248 -8.80 22.45 3.87
N ASN A 249 -9.11 21.74 4.92
CA ASN A 249 -9.90 22.24 6.05
C ASN A 249 -11.29 22.70 5.63
N ASP A 250 -11.79 22.13 4.56
CA ASP A 250 -13.15 22.42 4.09
C ASP A 250 -14.12 21.40 4.73
N SER A 251 -14.94 21.87 5.66
CA SER A 251 -15.77 21.00 6.46
C SER A 251 -16.78 20.24 5.66
N THR A 252 -17.06 20.63 4.42
N THR A 252 -17.03 20.61 4.41
CA THR A 252 -17.92 19.78 3.59
CA THR A 252 -17.89 19.82 3.53
C THR A 252 -17.33 18.37 3.46
C THR A 252 -17.33 18.42 3.20
N TYR A 253 -16.01 18.31 3.26
CA TYR A 253 -15.40 16.99 3.10
C TYR A 253 -15.55 16.14 4.35
N LEU A 254 -15.48 16.74 5.51
CA LEU A 254 -15.69 15.99 6.73
C LEU A 254 -17.13 15.51 6.88
N THR A 255 -18.09 16.33 6.46
CA THR A 255 -19.50 15.90 6.42
C THR A 255 -19.70 14.68 5.54
N LYS A 256 -19.08 14.70 4.37
N LYS A 256 -19.05 14.70 4.38
CA LYS A 256 -19.19 13.57 3.47
CA LYS A 256 -19.17 13.62 3.44
C LYS A 256 -18.54 12.34 4.08
C LYS A 256 -18.50 12.34 3.97
N ALA A 257 -17.30 12.52 4.53
CA ALA A 257 -16.55 11.39 5.12
C ALA A 257 -17.43 10.66 6.15
N GLU A 258 -18.00 11.46 7.07
CA GLU A 258 -18.81 10.94 8.16
C GLU A 258 -20.10 10.31 7.66
N SER A 259 -20.68 10.92 6.61
CA SER A 259 -21.98 10.47 6.11
C SER A 259 -21.86 9.08 5.53
N TYR A 260 -20.83 8.89 4.69
CA TYR A 260 -20.71 7.65 3.95
C TYR A 260 -20.41 6.40 4.81
N VAL A 261 -20.12 6.62 6.07
CA VAL A 261 -19.96 5.54 7.07
C VAL A 261 -21.18 4.62 7.10
N GLN A 262 -22.37 5.18 6.80
CA GLN A 262 -23.58 4.39 6.88
C GLN A 262 -23.64 3.31 5.82
N ASN A 263 -22.88 3.50 4.73
N ASN A 263 -22.90 3.48 4.70
CA ASN A 263 -22.82 2.52 3.68
CA ASN A 263 -22.82 2.46 3.66
C ASN A 263 -21.51 1.71 3.62
C ASN A 263 -21.53 1.62 3.65
N TRP A 264 -20.77 1.66 4.73
CA TRP A 264 -19.53 0.88 4.78
C TRP A 264 -19.83 -0.60 4.78
N PRO A 265 -18.83 -1.42 4.44
CA PRO A 265 -19.04 -2.85 4.32
C PRO A 265 -19.55 -3.46 5.62
N LYS A 266 -20.57 -4.30 5.52
CA LYS A 266 -21.19 -4.96 6.64
C LYS A 266 -20.92 -6.46 6.67
N ILE A 267 -20.92 -6.98 7.89
CA ILE A 267 -21.00 -8.43 8.08
C ILE A 267 -22.29 -8.87 7.37
N SER A 268 -22.13 -9.83 6.49
CA SER A 268 -23.19 -10.13 5.56
C SER A 268 -24.54 -10.45 6.27
N GLY A 269 -25.59 -9.81 5.81
CA GLY A 269 -26.90 -9.96 6.43
C GLY A 269 -27.17 -9.13 7.68
N SER A 270 -26.21 -8.32 8.09
N SER A 270 -26.23 -8.29 8.06
CA SER A 270 -26.34 -7.56 9.32
CA SER A 270 -26.33 -7.54 9.30
C SER A 270 -26.19 -6.04 9.06
C SER A 270 -26.17 -6.04 9.06
N ASN A 271 -26.40 -5.25 10.10
CA ASN A 271 -26.14 -3.80 10.05
C ASN A 271 -24.82 -3.41 10.70
N THR A 272 -24.00 -4.40 11.00
CA THR A 272 -22.73 -4.19 11.73
C THR A 272 -21.53 -4.13 10.76
N ILE A 273 -20.81 -3.04 10.85
CA ILE A 273 -19.59 -2.82 10.04
C ILE A 273 -18.62 -3.99 10.24
N ASP A 274 -18.09 -4.50 9.15
CA ASP A 274 -17.26 -5.72 9.19
C ASP A 274 -15.85 -5.38 9.70
N TYR A 275 -15.56 -5.79 10.93
CA TYR A 275 -14.29 -5.59 11.61
C TYR A 275 -13.33 -6.76 11.52
N LYS A 276 -13.73 -7.85 10.82
CA LYS A 276 -12.95 -9.06 10.85
C LYS A 276 -12.03 -9.23 9.64
N TRP A 277 -11.83 -8.17 8.85
CA TRP A 277 -10.87 -8.23 7.75
C TRP A 277 -9.71 -7.30 8.12
N ALA A 278 -9.06 -6.63 7.16
CA ALA A 278 -7.92 -5.76 7.40
C ALA A 278 -8.13 -4.54 6.52
N HIS A 279 -7.55 -3.45 6.94
CA HIS A 279 -7.30 -2.30 6.02
C HIS A 279 -6.42 -2.83 4.89
N CYS A 280 -6.84 -2.60 3.64
CA CYS A 280 -6.13 -3.14 2.48
C CYS A 280 -6.59 -2.42 1.22
N TRP A 281 -5.99 -2.77 0.09
CA TRP A 281 -6.24 -2.10 -1.16
C TRP A 281 -7.70 -2.00 -1.54
N ASP A 282 -8.48 -3.00 -1.11
CA ASP A 282 -9.89 -3.04 -1.46
C ASP A 282 -10.76 -2.30 -0.47
N ASP A 283 -10.37 -2.26 0.80
CA ASP A 283 -11.24 -1.89 1.91
C ASP A 283 -10.51 -1.02 2.89
N VAL A 284 -10.76 0.28 2.81
CA VAL A 284 -10.03 1.29 3.54
C VAL A 284 -10.87 1.85 4.67
N HIS A 285 -11.96 1.17 5.07
CA HIS A 285 -12.79 1.77 6.10
C HIS A 285 -12.16 1.81 7.47
N ASN A 286 -11.31 0.85 7.78
CA ASN A 286 -10.67 0.94 9.09
C ASN A 286 -9.77 2.13 9.28
N GLY A 287 -8.94 2.40 8.29
CA GLY A 287 -8.10 3.60 8.37
C GLY A 287 -8.91 4.87 8.38
N ALA A 288 -10.01 4.89 7.63
CA ALA A 288 -10.92 6.03 7.63
C ALA A 288 -11.54 6.25 9.00
N ALA A 289 -11.92 5.16 9.67
CA ALA A 289 -12.47 5.23 11.01
C ALA A 289 -11.46 5.78 11.98
N LEU A 290 -10.23 5.27 11.90
CA LEU A 290 -9.15 5.70 12.80
C LEU A 290 -8.93 7.19 12.67
N LEU A 291 -8.82 7.69 11.44
CA LEU A 291 -8.59 9.10 11.24
C LEU A 291 -9.85 9.92 11.66
N LEU A 292 -11.07 9.41 11.39
CA LEU A 292 -12.28 10.16 11.88
C LEU A 292 -12.36 10.19 13.38
N ALA A 293 -11.85 9.16 14.06
CA ALA A 293 -11.76 9.17 15.53
C ALA A 293 -10.81 10.27 15.99
N LYS A 294 -9.64 10.36 15.36
CA LYS A 294 -8.71 11.41 15.73
C LYS A 294 -9.19 12.82 15.41
N ILE A 295 -9.89 12.96 14.30
CA ILE A 295 -10.34 14.30 13.86
C ILE A 295 -11.51 14.79 14.76
N THR A 296 -12.47 13.91 14.99
CA THR A 296 -13.77 14.30 15.59
C THR A 296 -13.89 13.94 17.06
N GLY A 297 -13.09 12.97 17.51
CA GLY A 297 -13.17 12.48 18.88
C GLY A 297 -14.40 11.62 19.19
N LYS A 298 -15.23 11.33 18.20
CA LYS A 298 -16.57 10.74 18.46
C LYS A 298 -16.48 9.27 18.79
N ASP A 299 -17.24 8.86 19.80
CA ASP A 299 -17.31 7.45 20.21
C ASP A 299 -17.66 6.52 19.08
N ILE A 300 -18.48 6.98 18.13
N ILE A 300 -18.47 6.98 18.12
CA ILE A 300 -18.90 6.08 17.05
CA ILE A 300 -18.92 6.05 17.09
C ILE A 300 -17.66 5.48 16.35
C ILE A 300 -17.77 5.56 16.20
N TYR A 301 -16.70 6.36 16.10
CA TYR A 301 -15.52 5.96 15.32
C TYR A 301 -14.57 5.18 16.18
N LYS A 302 -14.40 5.56 17.44
CA LYS A 302 -13.61 4.74 18.38
C LYS A 302 -14.16 3.32 18.45
N GLN A 303 -15.48 3.19 18.48
CA GLN A 303 -16.11 1.86 18.55
C GLN A 303 -15.75 0.99 17.33
N ILE A 304 -15.75 1.60 16.13
CA ILE A 304 -15.41 0.90 14.89
C ILE A 304 -13.97 0.41 14.92
N ILE A 305 -13.04 1.33 15.12
CA ILE A 305 -11.63 0.97 15.05
C ILE A 305 -11.25 0.06 16.19
N GLU A 306 -11.78 0.30 17.42
CA GLU A 306 -11.46 -0.62 18.52
C GLU A 306 -12.02 -2.02 18.36
N SER A 307 -13.17 -2.18 17.73
N SER A 307 -13.16 -2.18 17.69
CA SER A 307 -13.70 -3.53 17.50
CA SER A 307 -13.71 -3.53 17.49
C SER A 307 -12.71 -4.31 16.65
C SER A 307 -12.80 -4.33 16.56
N HIS A 308 -12.23 -3.62 15.60
CA HIS A 308 -11.29 -4.21 14.67
C HIS A 308 -9.97 -4.55 15.30
N LEU A 309 -9.35 -3.60 16.00
CA LEU A 309 -8.06 -3.83 16.62
C LEU A 309 -8.19 -4.86 17.78
N ASP A 310 -9.32 -4.82 18.52
CA ASP A 310 -9.54 -5.85 19.52
C ASP A 310 -9.65 -7.23 18.92
N TYR A 311 -10.36 -7.35 17.82
CA TYR A 311 -10.49 -8.65 17.19
C TYR A 311 -9.13 -9.23 16.80
N TRP A 312 -8.21 -8.36 16.34
CA TRP A 312 -6.88 -8.79 15.96
C TRP A 312 -5.95 -9.08 17.10
N THR A 313 -6.31 -8.65 18.34
CA THR A 313 -5.36 -8.70 19.47
C THR A 313 -5.94 -9.62 20.59
N THR A 314 -6.66 -9.03 21.54
CA THR A 314 -7.15 -9.78 22.72
C THR A 314 -8.52 -10.39 22.53
N GLY A 315 -9.26 -9.95 21.51
CA GLY A 315 -10.60 -10.46 21.23
C GLY A 315 -11.66 -9.42 21.28
N TYR A 316 -12.71 -9.64 20.51
CA TYR A 316 -13.85 -8.83 20.49
C TYR A 316 -15.11 -9.71 20.47
N ASN A 317 -16.09 -9.47 21.31
N ASN A 317 -15.93 -9.48 21.47
CA ASN A 317 -17.30 -10.32 21.32
CA ASN A 317 -17.15 -10.23 21.70
C ASN A 317 -16.94 -11.80 21.50
C ASN A 317 -16.94 -11.70 21.58
N GLY A 318 -15.86 -12.12 22.23
CA GLY A 318 -15.47 -13.52 22.36
C GLY A 318 -14.78 -14.22 21.20
N GLU A 319 -14.49 -13.49 20.12
N GLU A 319 -14.33 -13.46 20.22
CA GLU A 319 -13.78 -14.10 18.99
CA GLU A 319 -13.63 -14.04 19.11
C GLU A 319 -12.57 -13.27 18.57
C GLU A 319 -12.33 -13.26 18.86
N ARG A 320 -11.53 -13.97 18.11
N ARG A 320 -11.35 -13.95 18.32
CA ARG A 320 -10.22 -13.41 17.86
CA ARG A 320 -10.20 -13.27 17.82
C ARG A 320 -9.62 -14.03 16.61
C ARG A 320 -9.76 -13.92 16.54
N ILE A 321 -8.89 -13.22 15.84
CA ILE A 321 -8.33 -13.71 14.60
C ILE A 321 -7.52 -14.94 14.95
N LYS A 322 -7.39 -15.82 13.98
CA LYS A 322 -6.42 -16.90 14.10
C LYS A 322 -5.00 -16.43 14.23
N TYR A 323 -4.18 -17.09 15.08
CA TYR A 323 -2.81 -16.89 15.17
C TYR A 323 -2.05 -18.17 14.83
N THR A 324 -0.91 -18.03 14.19
CA THR A 324 0.00 -19.15 14.02
C THR A 324 0.68 -19.48 15.33
N PRO A 325 1.32 -20.67 15.42
CA PRO A 325 1.96 -20.96 16.67
C PRO A 325 3.08 -20.04 17.07
N LYS A 326 3.80 -19.48 16.10
CA LYS A 326 4.88 -18.59 16.35
C LYS A 326 4.47 -17.09 16.35
N GLY A 327 3.18 -16.84 16.36
CA GLY A 327 2.67 -15.51 16.71
C GLY A 327 2.23 -14.58 15.62
N LEU A 328 2.13 -15.07 14.38
CA LEU A 328 1.56 -14.24 13.30
C LEU A 328 0.09 -14.25 13.36
N ALA A 329 -0.51 -13.06 13.36
CA ALA A 329 -1.94 -12.88 13.23
C ALA A 329 -2.32 -13.12 11.78
N TRP A 330 -3.13 -14.16 11.53
CA TRP A 330 -3.22 -14.80 10.21
C TRP A 330 -4.58 -14.74 9.65
N LEU A 331 -4.78 -13.83 8.65
CA LEU A 331 -6.09 -13.53 8.13
C LEU A 331 -6.46 -14.46 6.95
N ASP A 332 -5.47 -14.82 6.15
CA ASP A 332 -5.70 -15.45 4.83
C ASP A 332 -4.42 -16.00 4.36
N GLN A 333 -4.45 -17.07 3.55
CA GLN A 333 -3.20 -17.60 3.13
C GLN A 333 -2.50 -16.83 2.03
N TRP A 334 -3.21 -15.94 1.35
CA TRP A 334 -2.59 -15.16 0.26
C TRP A 334 -2.26 -13.76 0.77
N GLY A 335 -0.97 -13.52 0.99
CA GLY A 335 -0.43 -12.24 1.53
C GLY A 335 -0.75 -11.99 2.98
N SER A 336 -0.53 -13.03 3.78
CA SER A 336 -0.78 -12.95 5.21
C SER A 336 0.04 -11.84 5.88
N LEU A 337 1.28 -11.67 5.45
CA LEU A 337 2.19 -10.68 6.07
C LEU A 337 1.68 -9.26 5.74
N ARG A 338 1.21 -9.09 4.51
CA ARG A 338 0.60 -7.79 4.11
C ARG A 338 -0.50 -7.40 5.08
N TYR A 339 -1.43 -8.32 5.37
CA TYR A 339 -2.57 -7.95 6.18
C TYR A 339 -2.11 -7.67 7.65
N ALA A 340 -1.22 -8.51 8.18
CA ALA A 340 -0.79 -8.34 9.57
C ALA A 340 0.01 -7.05 9.72
N THR A 341 0.95 -6.77 8.82
CA THR A 341 1.80 -5.58 8.91
C THR A 341 1.00 -4.31 8.72
N THR A 342 -0.02 -4.35 7.89
CA THR A 342 -0.89 -3.19 7.72
C THR A 342 -1.67 -2.94 9.01
N THR A 343 -2.21 -4.00 9.59
CA THR A 343 -2.94 -3.85 10.85
C THR A 343 -1.99 -3.33 11.94
N ALA A 344 -0.75 -3.72 11.92
CA ALA A 344 0.26 -3.21 12.84
C ALA A 344 0.40 -1.71 12.78
N PHE A 345 0.43 -1.17 11.56
CA PHE A 345 0.55 0.29 11.37
C PHE A 345 -0.69 0.93 11.96
N LEU A 346 -1.88 0.41 11.65
CA LEU A 346 -3.09 1.03 12.26
C LEU A 346 -2.99 0.98 13.78
N ALA A 347 -2.56 -0.16 14.32
CA ALA A 347 -2.46 -0.32 15.80
C ALA A 347 -1.54 0.73 16.38
N PHE A 348 -0.39 1.00 15.72
CA PHE A 348 0.56 2.03 16.18
C PHE A 348 -0.06 3.43 16.14
N VAL A 349 -0.75 3.76 15.06
CA VAL A 349 -1.29 5.11 14.88
C VAL A 349 -2.36 5.34 15.95
N TYR A 350 -3.24 4.37 16.16
CA TYR A 350 -4.28 4.57 17.15
C TYR A 350 -3.72 4.58 18.56
N SER A 351 -2.75 3.72 18.85
CA SER A 351 -2.18 3.73 20.18
C SER A 351 -1.38 4.98 20.47
N ASP A 352 -0.89 5.65 19.43
CA ASP A 352 -0.21 6.93 19.62
C ASP A 352 -1.18 8.06 19.95
N TRP A 353 -2.45 7.84 19.75
CA TRP A 353 -3.44 8.89 19.91
C TRP A 353 -3.81 9.05 21.37
N VAL A 354 -3.91 10.32 21.81
CA VAL A 354 -4.32 10.61 23.23
C VAL A 354 -5.69 10.01 23.55
N GLY A 355 -6.57 9.85 22.57
CA GLY A 355 -7.87 9.24 22.76
C GLY A 355 -7.96 7.74 22.96
N CYS A 356 -6.87 7.03 22.65
CA CYS A 356 -6.87 5.56 22.84
C CYS A 356 -6.92 5.26 24.35
N PRO A 357 -7.79 4.30 24.78
CA PRO A 357 -7.74 3.89 26.18
C PRO A 357 -6.38 3.38 26.63
N SER A 358 -6.01 3.77 27.84
N SER A 358 -6.07 3.62 27.90
N SER A 358 -5.88 3.78 27.82
CA SER A 358 -4.68 3.57 28.34
CA SER A 358 -4.76 3.36 28.48
CA SER A 358 -4.49 3.45 28.19
C SER A 358 -4.16 2.15 28.16
C SER A 358 -4.34 1.89 28.50
C SER A 358 -4.20 1.95 28.23
N THR A 359 -4.93 1.18 28.64
N THR A 359 -5.28 0.97 28.65
CA THR A 359 -4.56 -0.22 28.53
CA THR A 359 -4.92 -0.45 28.58
C THR A 359 -4.47 -0.76 27.08
C THR A 359 -4.62 -0.90 27.14
N LYS A 360 -5.38 -0.32 26.23
CA LYS A 360 -5.31 -0.66 24.81
C LYS A 360 -4.09 -0.06 24.16
N LYS A 361 -3.59 1.07 24.67
N LYS A 361 -3.57 1.07 24.64
CA LYS A 361 -2.33 1.60 24.18
CA LYS A 361 -2.35 1.61 24.05
C LYS A 361 -1.29 0.48 24.18
C LYS A 361 -1.19 0.61 24.10
N GLU A 362 -1.11 -0.18 25.33
N GLU A 362 -1.08 -0.07 25.23
CA GLU A 362 0.01 -1.08 25.46
CA GLU A 362 -0.03 -1.06 25.43
C GLU A 362 -0.28 -2.39 24.67
C GLU A 362 -0.30 -2.30 24.57
N ILE A 363 -1.52 -2.83 24.67
CA ILE A 363 -1.91 -4.05 23.94
C ILE A 363 -1.64 -3.82 22.41
N TYR A 364 -2.13 -2.68 21.95
CA TYR A 364 -2.01 -2.38 20.49
C TYR A 364 -0.54 -2.22 20.04
N ARG A 365 0.24 -1.46 20.80
CA ARG A 365 1.65 -1.28 20.51
C ARG A 365 2.42 -2.60 20.51
N LYS A 366 2.23 -3.43 21.52
N LYS A 366 2.21 -3.41 21.54
CA LYS A 366 2.92 -4.71 21.61
CA LYS A 366 2.85 -4.71 21.64
C LYS A 366 2.49 -5.66 20.47
C LYS A 366 2.51 -5.63 20.47
N PHE A 367 1.24 -5.57 20.07
CA PHE A 367 0.76 -6.34 18.92
C PHE A 367 1.51 -5.87 17.67
N GLY A 368 1.54 -4.56 17.46
CA GLY A 368 2.29 -4.10 16.28
C GLY A 368 3.74 -4.46 16.23
N GLU A 369 4.42 -4.34 17.35
CA GLU A 369 5.80 -4.80 17.46
C GLU A 369 5.96 -6.28 17.09
N SER A 370 5.03 -7.09 17.58
CA SER A 370 5.12 -8.55 17.38
C SER A 370 4.96 -8.87 15.90
N GLN A 371 4.11 -8.12 15.21
CA GLN A 371 3.87 -8.49 13.81
C GLN A 371 5.00 -8.03 12.91
N ILE A 372 5.55 -6.85 13.15
CA ILE A 372 6.70 -6.40 12.44
C ILE A 372 7.90 -7.27 12.75
N ASP A 373 8.10 -7.62 14.01
CA ASP A 373 9.20 -8.52 14.32
C ASP A 373 9.05 -9.91 13.65
N TYR A 374 7.83 -10.39 13.51
CA TYR A 374 7.57 -11.63 12.79
C TYR A 374 8.01 -11.54 11.32
N ALA A 375 7.63 -10.43 10.70
CA ALA A 375 8.07 -10.20 9.33
C ALA A 375 9.56 -10.20 9.16
N LEU A 376 10.27 -9.57 10.10
CA LEU A 376 11.67 -9.38 10.00
C LEU A 376 12.50 -10.59 10.45
N GLY A 377 11.84 -11.57 11.07
CA GLY A 377 12.58 -12.78 11.43
C GLY A 377 12.46 -13.32 12.86
N SER A 378 11.46 -12.93 13.61
CA SER A 378 11.39 -13.42 15.02
C SER A 378 11.17 -14.93 15.07
N ALA A 379 10.53 -15.52 14.07
CA ALA A 379 10.25 -16.98 14.00
C ALA A 379 11.42 -17.76 13.41
N GLY A 380 12.54 -17.13 13.15
CA GLY A 380 13.74 -17.77 12.75
C GLY A 380 14.22 -17.41 11.33
N ARG A 381 13.36 -16.71 10.61
N ARG A 381 13.35 -16.97 10.43
CA ARG A 381 13.57 -16.46 9.21
CA ARG A 381 13.90 -16.28 9.25
C ARG A 381 12.93 -15.10 8.79
C ARG A 381 12.99 -15.17 8.73
N SER A 382 13.71 -14.23 8.14
CA SER A 382 13.13 -13.03 7.54
C SER A 382 12.29 -13.33 6.32
N PHE A 383 11.23 -12.56 6.20
CA PHE A 383 10.36 -12.59 5.04
C PHE A 383 10.55 -11.36 4.15
N VAL A 384 11.64 -10.62 4.35
CA VAL A 384 11.94 -9.46 3.55
C VAL A 384 13.20 -9.81 2.70
N VAL A 385 13.05 -9.68 1.40
CA VAL A 385 14.13 -9.91 0.47
C VAL A 385 15.33 -9.08 0.84
N GLY A 386 16.51 -9.67 0.84
CA GLY A 386 17.70 -8.86 1.01
C GLY A 386 17.93 -8.30 2.41
N PHE A 387 17.22 -8.85 3.38
CA PHE A 387 17.31 -8.38 4.78
C PHE A 387 17.31 -9.53 5.74
N GLY A 388 18.18 -9.46 6.75
CA GLY A 388 18.02 -10.40 7.87
C GLY A 388 18.54 -11.82 7.63
N THR A 389 17.99 -12.75 8.37
CA THR A 389 18.26 -14.21 8.32
C THR A 389 17.49 -14.98 7.33
N ASN A 390 18.26 -15.68 6.46
CA ASN A 390 17.69 -16.59 5.51
C ASN A 390 16.41 -15.96 4.83
N PRO A 391 16.60 -14.81 4.24
CA PRO A 391 15.45 -14.15 3.55
C PRO A 391 15.08 -14.89 2.28
N PRO A 392 13.92 -14.57 1.73
CA PRO A 392 13.50 -15.16 0.46
C PRO A 392 14.51 -14.77 -0.62
N LYS A 393 14.87 -15.77 -1.40
N LYS A 393 14.90 -15.75 -1.43
CA LYS A 393 15.84 -15.65 -2.49
CA LYS A 393 15.77 -15.47 -2.58
C LYS A 393 15.19 -15.83 -3.89
C LYS A 393 15.19 -15.85 -3.95
N ARG A 394 13.97 -16.40 -3.99
CA ARG A 394 13.28 -16.64 -5.25
C ARG A 394 11.88 -16.07 -5.28
N PRO A 395 11.75 -14.77 -4.94
CA PRO A 395 10.40 -14.23 -5.05
C PRO A 395 9.80 -14.35 -6.46
N HIS A 396 8.47 -14.48 -6.53
CA HIS A 396 7.78 -14.53 -7.81
C HIS A 396 7.78 -13.12 -8.41
N HIS A 397 8.81 -12.81 -9.20
CA HIS A 397 9.05 -11.47 -9.72
C HIS A 397 9.89 -11.61 -10.98
N ARG A 398 9.28 -11.24 -12.10
CA ARG A 398 9.88 -11.41 -13.44
C ARG A 398 11.19 -10.63 -13.58
N THR A 399 11.16 -9.37 -13.20
CA THR A 399 12.31 -8.49 -13.46
C THR A 399 13.51 -8.76 -12.53
N ALA A 400 13.26 -9.12 -11.28
CA ALA A 400 14.36 -9.56 -10.37
C ALA A 400 15.01 -10.83 -10.86
N HIS A 401 14.22 -11.75 -11.34
CA HIS A 401 14.72 -13.02 -11.84
C HIS A 401 15.56 -12.87 -13.09
N SER A 402 15.01 -12.18 -14.08
CA SER A 402 15.68 -11.78 -15.32
C SER A 402 16.04 -12.92 -16.25
N SER A 403 15.02 -13.72 -16.56
CA SER A 403 15.14 -14.79 -17.51
C SER A 403 15.39 -14.23 -18.94
N TRP A 404 16.27 -14.90 -19.69
CA TRP A 404 16.43 -14.74 -21.16
C TRP A 404 15.71 -15.77 -21.97
N ALA A 405 14.92 -16.64 -21.34
CA ALA A 405 14.43 -17.81 -22.01
C ALA A 405 12.96 -18.05 -21.73
N ASP A 406 12.24 -16.99 -21.32
CA ASP A 406 10.81 -17.05 -21.07
C ASP A 406 10.49 -18.28 -20.16
N SER A 407 11.28 -18.40 -19.09
CA SER A 407 11.24 -19.61 -18.25
C SER A 407 11.57 -19.26 -16.80
N GLN A 408 10.72 -19.70 -15.87
CA GLN A 408 11.02 -19.52 -14.43
C GLN A 408 12.20 -20.31 -13.99
N SER A 409 12.60 -21.34 -14.73
CA SER A 409 13.72 -22.14 -14.26
C SER A 409 15.08 -21.66 -14.77
N ILE A 410 15.10 -20.68 -15.66
CA ILE A 410 16.37 -20.21 -16.30
C ILE A 410 16.43 -18.70 -16.14
N PRO A 411 17.44 -18.20 -15.37
CA PRO A 411 18.39 -18.90 -14.57
C PRO A 411 17.81 -19.53 -13.30
N SER A 412 18.56 -20.43 -12.65
CA SER A 412 18.12 -21.07 -11.42
C SER A 412 18.10 -20.15 -10.22
N TYR A 413 18.90 -19.09 -10.26
CA TYR A 413 19.01 -18.08 -9.18
C TYR A 413 18.61 -16.72 -9.77
N HIS A 414 17.95 -15.91 -8.99
CA HIS A 414 17.63 -14.55 -9.46
C HIS A 414 18.91 -13.76 -9.72
N ARG A 415 18.88 -13.07 -10.83
N ARG A 415 18.91 -12.99 -10.78
CA ARG A 415 19.99 -12.21 -11.22
CA ARG A 415 20.10 -12.19 -11.11
C ARG A 415 20.12 -11.06 -10.24
C ARG A 415 20.12 -10.87 -10.35
N HIS A 416 19.00 -10.52 -9.78
CA HIS A 416 18.96 -9.27 -8.96
C HIS A 416 18.28 -9.46 -7.68
N THR A 417 18.76 -8.76 -6.65
CA THR A 417 18.19 -8.83 -5.32
C THR A 417 17.18 -7.71 -5.13
N LEU A 418 15.95 -8.10 -4.84
CA LEU A 418 14.84 -7.18 -4.71
C LEU A 418 14.77 -6.66 -3.22
N TYR A 419 15.80 -5.90 -2.84
CA TYR A 419 15.90 -5.46 -1.45
C TYR A 419 14.60 -4.84 -0.97
N GLY A 420 14.23 -5.25 0.23
CA GLY A 420 13.07 -4.66 0.94
C GLY A 420 11.75 -5.25 0.66
N ALA A 421 11.62 -6.15 -0.30
CA ALA A 421 10.31 -6.69 -0.68
C ALA A 421 9.79 -7.67 0.36
N LEU A 422 8.62 -7.37 0.90
CA LEU A 422 7.93 -8.26 1.82
C LEU A 422 7.18 -9.31 0.99
N VAL A 423 7.49 -10.60 1.21
CA VAL A 423 6.78 -11.62 0.48
C VAL A 423 5.40 -11.90 1.04
N GLY A 424 4.64 -12.75 0.37
CA GLY A 424 3.27 -13.03 0.79
C GLY A 424 3.21 -13.56 2.22
N GLY A 425 4.00 -14.57 2.51
CA GLY A 425 4.12 -15.06 3.90
C GLY A 425 3.83 -16.53 4.06
N PRO A 426 3.91 -17.03 5.29
CA PRO A 426 3.92 -18.43 5.61
C PRO A 426 2.49 -18.99 5.54
N GLY A 427 2.41 -20.30 5.62
CA GLY A 427 1.15 -20.91 6.04
C GLY A 427 0.73 -20.70 7.50
N SER A 428 -0.47 -21.21 7.81
CA SER A 428 -1.08 -20.97 9.10
C SER A 428 -0.35 -21.74 10.18
N ASP A 429 0.58 -22.59 9.79
CA ASP A 429 1.50 -23.31 10.69
C ASP A 429 2.93 -22.78 10.73
N ASP A 430 3.13 -21.54 10.25
CA ASP A 430 4.43 -20.91 10.19
C ASP A 430 5.35 -21.41 9.07
N SER A 431 4.91 -22.40 8.30
CA SER A 431 5.86 -22.95 7.34
C SER A 431 5.97 -22.00 6.13
N TYR A 432 7.07 -22.17 5.42
CA TYR A 432 7.22 -21.44 4.18
CA TYR A 432 7.43 -21.34 4.29
C TYR A 432 8.27 -22.17 3.35
N THR A 433 8.17 -21.96 2.07
N THR A 433 8.02 -21.97 2.06
CA THR A 433 9.13 -22.47 1.13
CA THR A 433 8.87 -22.43 0.94
C THR A 433 9.62 -21.17 0.47
C THR A 433 9.18 -21.30 -0.07
N ASP A 434 10.38 -21.31 -0.57
CA ASP A 434 10.87 -20.11 -1.29
C ASP A 434 10.99 -20.46 -2.77
N ASP A 435 9.82 -20.51 -3.41
CA ASP A 435 9.69 -21.01 -4.77
C ASP A 435 9.28 -19.89 -5.72
N ILE A 436 9.95 -19.75 -6.84
CA ILE A 436 9.61 -18.68 -7.78
C ILE A 436 8.19 -18.88 -8.29
N SER A 437 7.74 -20.13 -8.40
CA SER A 437 6.44 -20.41 -9.01
C SER A 437 5.24 -20.14 -8.10
N ASN A 438 5.53 -19.98 -6.78
CA ASN A 438 4.47 -19.83 -5.77
C ASN A 438 4.06 -18.37 -5.59
N TYR A 439 3.09 -17.94 -6.36
CA TYR A 439 2.60 -16.59 -6.31
C TYR A 439 1.64 -16.28 -5.18
N VAL A 440 1.24 -17.32 -4.46
CA VAL A 440 0.37 -17.16 -3.29
C VAL A 440 1.18 -16.75 -2.06
N ASN A 441 2.25 -17.49 -1.77
CA ASN A 441 3.09 -17.26 -0.63
C ASN A 441 4.35 -16.44 -0.92
N ASN A 442 4.72 -16.34 -2.17
CA ASN A 442 6.07 -15.83 -2.49
C ASN A 442 6.09 -14.74 -3.56
N GLU A 443 4.94 -14.10 -3.82
CA GLU A 443 4.98 -12.89 -4.60
C GLU A 443 5.24 -11.72 -3.68
N VAL A 444 5.51 -10.59 -4.30
CA VAL A 444 5.82 -9.29 -3.63
C VAL A 444 4.89 -8.31 -4.30
N ALA A 445 4.61 -7.17 -3.69
CA ALA A 445 3.65 -6.24 -4.34
C ALA A 445 3.73 -4.87 -3.68
N CYS A 446 3.32 -3.84 -4.42
CA CYS A 446 3.23 -2.50 -3.88
C CYS A 446 2.42 -2.48 -2.61
N ASP A 447 1.20 -3.04 -2.63
CA ASP A 447 0.33 -2.98 -1.47
C ASP A 447 0.92 -3.75 -0.29
N TYR A 448 1.67 -4.81 -0.54
CA TYR A 448 2.32 -5.55 0.56
C TYR A 448 3.31 -4.70 1.36
N ASN A 449 4.04 -3.78 0.71
CA ASN A 449 5.02 -2.98 1.35
C ASN A 449 4.50 -1.69 1.99
N ALA A 450 3.24 -1.35 1.71
CA ALA A 450 2.71 0.02 1.92
C ALA A 450 2.50 0.30 3.41
N GLY A 451 1.63 -0.45 4.07
CA GLY A 451 1.50 -0.27 5.51
C GLY A 451 2.77 -0.67 6.28
N PHE A 452 3.47 -1.68 5.76
CA PHE A 452 4.72 -2.13 6.34
C PHE A 452 5.73 -1.00 6.47
N VAL A 453 5.85 -0.14 5.45
CA VAL A 453 6.73 1.03 5.57
C VAL A 453 6.37 1.92 6.78
N GLY A 454 5.11 2.25 6.94
CA GLY A 454 4.64 2.99 8.09
C GLY A 454 4.95 2.39 9.44
N ALA A 455 4.74 1.09 9.56
CA ALA A 455 4.94 0.35 10.76
C ALA A 455 6.48 0.31 11.08
N LEU A 456 7.30 0.17 10.02
CA LEU A 456 8.74 0.19 10.20
C LEU A 456 9.22 1.55 10.72
N ALA A 457 8.58 2.66 10.24
CA ALA A 457 8.98 4.01 10.70
C ALA A 457 8.73 4.14 12.21
N LYS A 458 7.59 3.62 12.65
CA LYS A 458 7.29 3.62 14.06
C LYS A 458 8.29 2.76 14.83
N MET A 459 8.63 1.56 14.35
CA MET A 459 9.58 0.75 15.08
C MET A 459 10.94 1.43 15.12
N TYR A 460 11.36 2.09 14.03
CA TYR A 460 12.65 2.81 14.09
C TYR A 460 12.58 3.94 15.13
N GLN A 461 11.46 4.67 15.14
N GLN A 461 11.44 4.62 15.18
CA GLN A 461 11.23 5.70 16.11
CA GLN A 461 11.27 5.70 16.12
C GLN A 461 11.46 5.14 17.50
C GLN A 461 11.38 5.20 17.55
N LEU A 462 10.85 3.99 17.80
CA LEU A 462 10.95 3.41 19.15
C LEU A 462 12.35 2.85 19.46
N TYR A 463 12.93 2.11 18.51
CA TYR A 463 14.04 1.18 18.80
C TYR A 463 15.30 1.41 18.01
N GLY A 464 15.24 2.28 17.00
CA GLY A 464 16.37 2.59 16.14
C GLY A 464 16.89 1.43 15.34
N GLY A 465 18.21 1.40 15.14
CA GLY A 465 18.86 0.55 14.15
C GLY A 465 19.23 1.40 12.98
N ASN A 466 20.51 1.55 12.67
CA ASN A 466 20.87 2.53 11.69
C ASN A 466 20.78 2.02 10.24
N PRO A 467 20.19 2.81 9.33
CA PRO A 467 20.25 2.45 7.91
C PRO A 467 21.71 2.34 7.49
N ILE A 468 21.93 1.66 6.37
CA ILE A 468 23.27 1.55 5.77
C ILE A 468 23.53 2.88 5.09
N PRO A 469 24.53 3.67 5.57
CA PRO A 469 24.65 4.99 4.93
C PRO A 469 24.79 5.02 3.43
N ASP A 470 23.98 5.79 2.72
N ASP A 470 23.91 5.76 2.77
CA ASP A 470 24.18 5.93 1.30
CA ASP A 470 23.91 6.02 1.32
C ASP A 470 24.07 4.57 0.59
C ASP A 470 23.82 4.71 0.50
N PHE A 471 23.22 3.69 1.09
CA PHE A 471 23.12 2.36 0.42
C PHE A 471 22.38 2.52 -0.92
N LYS A 472 22.97 1.97 -1.97
CA LYS A 472 22.45 1.88 -3.32
C LYS A 472 22.59 0.43 -3.84
N ALA A 473 21.55 -0.06 -4.54
CA ALA A 473 21.53 -1.46 -4.99
C ALA A 473 22.25 -1.51 -6.35
N ILE A 474 23.59 -1.51 -6.29
N ILE A 474 23.59 -1.48 -6.27
CA ILE A 474 24.42 -1.41 -7.49
CA ILE A 474 24.50 -1.46 -7.42
C ILE A 474 25.13 -2.71 -7.73
C ILE A 474 25.06 -2.84 -7.70
N GLU A 475 24.98 -3.25 -8.94
CA GLU A 475 25.63 -4.46 -9.38
C GLU A 475 27.01 -4.14 -9.99
C1 GLC B . 0.29 -18.75 -16.12
C2 GLC B . -0.99 -18.27 -15.50
C3 GLC B . -0.75 -16.90 -14.88
C4 GLC B . 0.48 -16.85 -13.99
C5 GLC B . 1.70 -17.33 -14.73
C6 GLC B . 3.01 -17.45 -13.96
C6 GLC B . 2.80 -17.57 -13.71
O1 GLC B . 0.53 -18.01 -17.31
O2 GLC B . -2.04 -18.16 -16.50
O3 GLC B . -1.93 -16.69 -14.15
O4 GLC B . 0.61 -15.45 -13.64
O5 GLC B . 1.42 -18.65 -15.25
O6 GLC B . 4.10 -17.56 -14.88
O6 GLC B . 2.26 -18.54 -12.78
C2 BGC B . 1.31 -13.70 -12.22
C3 BGC B . 1.16 -13.11 -10.85
C4 BGC B . -0.31 -13.23 -10.39
C5 BGC B . -0.88 -14.58 -10.55
C6 BGC B . -2.34 -14.73 -10.11
C1 BGC B . 0.65 -15.07 -12.30
O2 BGC B . 2.68 -13.78 -12.53
O3 BGC B . 1.58 -11.75 -10.89
O4 BGC B . -0.47 -12.77 -9.05
O5 BGC B . -0.70 -14.85 -11.92
O6 BGC B . -3.13 -13.90 -10.97
C2 BGC C . -4.16 -9.90 -3.78
C3 BGC C . -5.29 -10.36 -2.84
C4 BGC C . -6.42 -10.93 -3.70
C5 BGC C . -5.80 -12.10 -4.52
C6 BGC C . -6.74 -13.03 -5.29
C1 BGC C . -3.75 -10.96 -4.81
O1 BGC C . -2.68 -10.65 -5.71
O2 BGC C . -2.97 -9.54 -3.12
O3 BGC C . -5.75 -9.31 -1.96
O4 BGC C . -7.61 -11.38 -2.95
O5 BGC C . -4.81 -11.63 -5.45
O6 BGC C . -7.14 -12.32 -6.48
C2 BGC C . -10.02 -11.42 -2.17
C3 BGC C . -11.19 -10.56 -1.74
C4 BGC C . -10.71 -9.60 -0.67
C5 BGC C . -9.59 -8.82 -1.31
C6 BGC C . -9.00 -7.78 -0.34
C1 BGC C . -8.83 -10.65 -2.66
O2 BGC C . -10.40 -12.36 -3.20
O3 BGC C . -12.25 -11.35 -1.19
O4 BGC C . -11.75 -8.66 -0.40
O5 BGC C . -8.54 -9.65 -1.73
O6 BGC C . -8.47 -8.44 0.78
C2 BGC C . -12.97 -7.28 1.18
C3 BGC C . -13.49 -7.19 2.61
C4 BGC C . -14.16 -8.54 3.03
C5 BGC C . -13.26 -9.68 2.67
C6 BGC C . -13.77 -11.10 2.99
C1 BGC C . -12.19 -8.55 0.93
O2 BGC C . -12.11 -6.18 0.85
O3 BGC C . -14.39 -6.12 2.72
O4 BGC C . -14.43 -8.42 4.42
O5 BGC C . -13.01 -9.67 1.26
O6 BGC C . -15.06 -11.19 2.34
C1 DIO D . 23.16 -6.67 2.28
C2 DIO D . 23.78 -4.45 1.91
C1' DIO D . 24.13 -7.02 1.17
C2' DIO D . 24.86 -5.00 0.96
O1 DIO D . 22.75 -5.33 2.31
O1' DIO D . 25.35 -6.26 1.39
CA CA E . -13.73 -0.46 -1.18
C1 GOL F . 18.27 -9.46 -19.35
O1 GOL F . 17.95 -8.86 -20.62
C2 GOL F . 17.61 -10.82 -19.45
O2 GOL F . 18.45 -11.84 -18.92
C3 GOL F . 17.26 -11.01 -20.93
O3 GOL F . 15.82 -11.17 -21.06
C1 GOL G . -16.55 21.14 -1.23
O1 GOL G . -16.76 22.52 -0.88
C2 GOL G . -17.49 20.70 -2.34
O2 GOL G . -17.06 21.28 -3.56
C3 GOL G . -17.47 19.19 -2.46
O3 GOL G . -17.22 18.63 -1.16
C1 GOL H . 12.58 16.07 2.21
O1 GOL H . 12.37 17.39 2.76
C2 GOL H . 13.90 15.33 2.43
O2 GOL H . 14.75 15.70 3.56
C3 GOL H . 14.72 15.39 1.14
O3 GOL H . 13.93 15.52 -0.04
C1 GOL I . 20.77 -10.08 3.97
O1 GOL I . 20.03 -11.15 4.51
C2 GOL I . 21.39 -10.65 2.68
O2 GOL I . 21.52 -9.58 1.77
C3 GOL I . 22.83 -11.16 2.92
O3 GOL I . 23.17 -12.34 2.18
C1 GOL J . -1.55 21.92 -1.13
O1 GOL J . -1.56 23.11 -1.98
C2 GOL J . -2.34 22.15 0.13
O2 GOL J . -1.84 23.29 0.88
C3 GOL J . -2.40 20.86 0.95
O3 GOL J . -2.70 21.15 2.29
C1 GOL K . -5.86 24.76 -8.46
C1 GOL K . -5.17 24.98 -8.82
O1 GOL K . -6.99 25.21 -9.19
O1 GOL K . -4.74 25.46 -7.53
C2 GOL K . -4.92 23.95 -9.36
C2 GOL K . -4.08 24.04 -9.34
O2 GOL K . -5.51 23.68 -10.65
O2 GOL K . -4.44 23.52 -10.63
C3 GOL K . -3.62 24.74 -9.49
C3 GOL K . -2.76 24.81 -9.40
O3 GOL K . -2.57 23.94 -10.08
O3 GOL K . -1.76 24.03 -10.06
C1 EDO L . -21.99 14.29 10.30
O1 EDO L . -22.25 13.99 8.92
C2 EDO L . -22.38 12.96 10.83
O2 EDO L . -22.87 12.51 9.55
C1 EDO M . 10.70 -5.32 20.59
O1 EDO M . 9.98 -5.42 19.38
C2 EDO M . 11.85 -4.39 20.36
O2 EDO M . 12.68 -4.88 19.30
C1 EDO N . -21.19 -1.53 -9.49
C1 EDO N . -21.86 -0.50 -9.64
O1 EDO N . -21.14 -0.15 -9.11
O1 EDO N . -21.35 -0.43 -8.32
C2 EDO N . -20.95 -1.69 -10.98
C2 EDO N . -21.63 -1.91 -10.14
O2 EDO N . -21.61 -2.87 -11.48
O2 EDO N . -20.35 -1.98 -10.76
C1 EDO O . -22.01 2.41 13.16
O1 EDO O . -22.63 1.80 12.04
C2 EDO O . -22.67 3.76 13.08
O2 EDO O . -23.99 3.43 12.66
C1 EDO P . -26.56 -6.45 13.59
O1 EDO P . -26.44 -5.07 13.26
C2 EDO P . -27.97 -6.90 13.27
O2 EDO P . -28.28 -6.46 11.95
C1 EDO Q . 26.04 0.13 -2.14
O1 EDO Q . 26.36 0.86 -3.35
C2 EDO Q . 25.93 0.98 -0.90
O2 EDO Q . 26.71 0.52 0.17
C1 EDO R . 9.37 17.21 4.21
O1 EDO R . 8.54 17.98 5.05
C2 EDO R . 9.12 17.68 2.79
O2 EDO R . 10.33 18.26 2.35
C1 EDO S . 14.45 -22.32 1.40
C1 EDO S . 13.59 -22.46 1.74
O1 EDO S . 14.72 -21.44 2.51
O1 EDO S . 13.36 -21.48 2.78
C2 EDO S . 13.30 -23.22 1.84
C2 EDO S . 15.07 -22.44 1.37
O2 EDO S . 12.28 -23.19 0.85
O2 EDO S . 15.22 -22.83 0.01
C1 EDO T . -8.83 5.75 29.66
O1 EDO T . -7.44 5.56 29.83
C2 EDO T . -9.47 4.39 29.66
O2 EDO T . -10.75 4.52 29.00
C1 EDO U . 9.80 -22.49 -16.19
O1 EDO U . 10.28 -23.76 -16.67
C2 EDO U . 8.66 -21.91 -16.99
O2 EDO U . 8.15 -20.59 -16.74
C1 EDO V . 27.02 4.34 -1.93
O1 EDO V . 26.19 5.39 -2.30
C2 EDO V . 26.51 3.14 -2.68
O2 EDO V . 26.83 3.31 -4.00
C1 EDO W . -18.73 -3.62 -6.56
O1 EDO W . -18.70 -4.05 -5.20
C2 EDO W . -18.06 -2.29 -6.77
O2 EDO W . -18.93 -1.16 -6.65
C1 EDO X . 11.07 10.84 15.46
O1 EDO X . 9.81 10.30 15.88
C2 EDO X . 12.18 9.96 15.96
O2 EDO X . 12.70 9.10 14.96
C1 EDO Y . -19.74 10.49 20.48
O1 EDO Y . -19.62 11.84 20.86
C2 EDO Y . -20.64 10.34 19.25
O2 EDO Y . -20.49 9.07 18.62
C1 EDO Z . 0.44 -9.79 -28.60
O1 EDO Z . 0.34 -8.67 -27.71
C2 EDO Z . 0.93 -9.34 -29.98
O2 EDO Z . 2.06 -8.49 -29.87
C1 EDO AA . 4.88 -20.06 -16.33
O1 EDO AA . 4.56 -20.21 -14.96
C2 EDO AA . 3.60 -20.17 -17.09
O2 EDO AA . 3.90 -20.34 -18.47
C1 EDO BA . 0.16 13.90 13.06
O1 EDO BA . -0.34 15.20 12.72
C2 EDO BA . -1.00 12.91 13.15
O2 EDO BA . -0.77 11.98 14.22
C1 EDO CA . 4.21 -23.56 0.67
O1 EDO CA . 2.92 -23.58 0.07
C2 EDO CA . 4.51 -22.33 1.51
O2 EDO CA . 5.12 -21.31 0.72
C1 EDO DA . 5.17 0.30 -23.66
O1 EDO DA . 6.37 0.21 -24.47
C2 EDO DA . 4.00 -0.40 -24.38
O2 EDO DA . 2.79 0.37 -24.27
C1 EDO EA . -6.20 -14.86 23.26
O1 EDO EA . -5.82 -16.08 23.94
C2 EDO EA . -7.69 -14.81 22.93
O2 EDO EA . -8.46 -14.91 24.13
C1 EDO FA . 23.64 -3.57 -14.13
O1 EDO FA . 23.13 -4.85 -13.77
C2 EDO FA . 24.97 -3.73 -14.81
O2 EDO FA . 25.47 -2.47 -15.25
C1 EDO GA . -2.38 -2.39 -28.09
O1 EDO GA . -1.74 -1.36 -27.33
C2 EDO GA . -3.79 -2.70 -27.61
O2 EDO GA . -4.02 -4.09 -27.31
C1 EDO HA . 15.02 13.31 -13.67
O1 EDO HA . 16.07 12.76 -14.46
C2 EDO HA . 15.55 14.07 -12.47
O2 EDO HA . 14.48 14.37 -11.56
C1 EDO IA . 21.33 8.17 -7.78
O1 EDO IA . 22.53 7.42 -7.57
C2 EDO IA . 21.39 9.49 -7.05
O2 EDO IA . 21.85 9.23 -5.73
C1 EDO JA . 5.00 16.77 6.25
O1 EDO JA . 5.63 17.78 5.42
C2 EDO JA . 3.49 16.62 6.02
O2 EDO JA . 2.63 17.00 7.10
C1 EDO KA . -8.53 -10.39 -5.81
O1 EDO KA . -7.16 -10.40 -6.11
C2 EDO KA . -9.08 -9.11 -6.28
O2 EDO KA . -9.91 -9.39 -7.37
S SO4 LA . 21.02 -16.64 3.52
O1 SO4 LA . 20.85 -16.71 5.00
O2 SO4 LA . 20.74 -18.01 3.12
O3 SO4 LA . 22.39 -16.16 3.43
O4 SO4 LA . 20.10 -15.75 2.77
S SO4 MA . 22.21 -20.15 -12.93
O1 SO4 MA . 21.55 -19.09 -12.12
O2 SO4 MA . 21.17 -21.11 -13.48
O3 SO4 MA . 23.07 -20.92 -12.02
O4 SO4 MA . 23.01 -19.56 -14.05
S SO4 NA . -18.80 -1.90 21.90
O1 SO4 NA . -18.37 -2.79 23.01
O2 SO4 NA . -20.23 -2.17 21.59
O3 SO4 NA . -18.01 -2.16 20.65
O4 SO4 NA . -18.72 -0.47 22.31
#